data_3PFH
#
_entry.id   3PFH
#
_cell.length_a   86.624
_cell.length_b   41.123
_cell.length_c   87.293
_cell.angle_alpha   90.00
_cell.angle_beta   117.93
_cell.angle_gamma   90.00
#
_symmetry.space_group_name_H-M   'P 1 21 1'
#
loop_
_entity.id
_entity.type
_entity.pdbx_description
1 polymer N-methyltransferase
2 non-polymer S-ADENOSYL-L-HOMOCYSTEINE
3 non-polymer '[(3R,4S,5S,6R)-4-amino-3,5-dihydroxy-6-methyloxan-2-yl][hydroxy-[[(2R,3S,5R)-3-hydroxy-5-(5-methyl-2,4-dioxopyrimidin-1-yl)oxolan-2-yl]methoxy]phosphoryl] hydrogen phosphate'
4 non-polymer 1,2-ETHANEDIOL
5 water water
#
_entity_poly.entity_id   1
_entity_poly.type   'polypeptide(L)'
_entity_poly.pdbx_seq_one_letter_code
;MAHSSATAGPQADYSGEIAELYDLVHQGKGKDYHREAADLAALVRRHSPKAASLLDVACGTGMHLRHLADSFGTVEGLEL
SADMLAIARRRNPDAVLHHGDMRDFSLGRRFSAVTCMFSSIGHLAGQAELDAALERFAAHVLPDGVVVVEPWWFPENFTP
GYVAAGTVEAGGTTVTRVSHSSREGEATRIEVHYLVAGPDRGITHHEESHRITLFTREQYERAFTAAGLSVEFMPGGPSG
RGLFTGLPGAKGETRLEHHHHHH
;
_entity_poly.pdbx_strand_id   A,D
#
loop_
_chem_comp.id
_chem_comp.type
_chem_comp.name
_chem_comp.formula
EDO non-polymer 1,2-ETHANEDIOL 'C2 H6 O2'
T3Q non-polymer '[(3R,4S,5S,6R)-4-amino-3,5-dihydroxy-6-methyloxan-2-yl][hydroxy-[[(2R,3S,5R)-3-hydroxy-5-(5-methyl-2,4-dioxopyrimidin-1-yl)oxolan-2-yl]methoxy]phosphoryl] hydrogen phosphate' 'C16 H27 N3 O14 P2'
#
# COMPACT_ATOMS: atom_id res chain seq x y z
N PRO A 10 -0.65 14.26 9.81
CA PRO A 10 -0.42 13.85 11.20
C PRO A 10 1.06 13.77 11.59
N GLN A 11 1.59 12.62 12.01
CA GLN A 11 2.73 12.67 12.94
C GLN A 11 4.06 13.09 12.32
N ALA A 12 4.90 13.79 13.08
CA ALA A 12 6.24 14.20 12.62
C ALA A 12 7.33 13.82 13.61
N ASP A 13 7.03 12.85 14.48
CA ASP A 13 7.79 12.66 15.70
C ASP A 13 8.25 11.21 15.90
N TYR A 14 8.26 10.38 14.86
CA TYR A 14 8.79 9.03 14.98
C TYR A 14 8.31 8.28 16.25
N SER A 15 7.02 7.95 16.33
CA SER A 15 6.49 7.52 17.61
C SER A 15 5.37 6.56 17.32
N GLY A 16 4.90 5.90 18.38
CA GLY A 16 3.84 4.91 18.25
C GLY A 16 4.13 3.81 17.23
N GLU A 17 3.12 3.42 16.46
CA GLU A 17 3.31 2.41 15.45
C GLU A 17 4.35 2.75 14.39
N ILE A 18 4.53 4.05 14.10
CA ILE A 18 5.48 4.50 13.08
C ILE A 18 6.89 4.07 13.49
N ALA A 19 7.20 4.25 14.78
CA ALA A 19 8.50 3.83 15.34
C ALA A 19 8.62 2.31 15.30
N GLU A 20 7.56 1.60 15.68
CA GLU A 20 7.61 0.13 15.60
C GLU A 20 7.77 -0.40 14.18
N LEU A 21 7.48 0.43 13.18
CA LEU A 21 7.49 -0.05 11.79
C LEU A 21 8.78 0.24 11.04
N TYR A 22 9.58 1.13 11.63
CA TYR A 22 10.78 1.70 11.04
C TYR A 22 11.76 0.63 10.57
N ASP A 23 12.17 -0.29 11.45
CA ASP A 23 13.20 -1.24 11.04
C ASP A 23 12.68 -2.09 9.89
N LEU A 24 11.44 -2.55 10.04
CA LEU A 24 10.93 -3.52 9.08
C LEU A 24 10.86 -2.88 7.70
N VAL A 25 10.38 -1.64 7.61
CA VAL A 25 10.20 -1.02 6.31
C VAL A 25 11.55 -0.64 5.68
N HIS A 26 12.50 -0.18 6.49
CA HIS A 26 13.78 0.09 5.90
C HIS A 26 14.57 -1.15 5.53
N GLN A 27 14.36 -2.25 6.21
CA GLN A 27 14.97 -3.51 5.78
C GLN A 27 14.38 -3.93 4.43
N GLY A 28 13.05 -3.91 4.40
CA GLY A 28 12.28 -4.10 3.16
C GLY A 28 12.76 -3.31 1.97
N LYS A 29 13.16 -2.07 2.23
CA LYS A 29 13.65 -1.21 1.16
C LYS A 29 15.10 -1.52 0.78
N GLY A 30 15.78 -2.43 1.48
CA GLY A 30 17.13 -2.89 1.12
C GLY A 30 18.20 -2.10 1.89
N LYS A 31 17.83 -1.26 2.83
CA LYS A 31 18.89 -0.64 3.66
C LYS A 31 19.76 -1.63 4.46
N ASP A 32 21.06 -1.66 4.17
CA ASP A 32 22.00 -2.60 4.73
C ASP A 32 22.84 -1.89 5.79
N TYR A 33 22.43 -1.98 7.07
CA TYR A 33 23.19 -1.31 8.13
C TYR A 33 24.51 -1.96 8.47
N HIS A 34 24.57 -3.28 8.29
CA HIS A 34 25.86 -3.97 8.38
C HIS A 34 26.93 -3.39 7.44
N ARG A 35 26.63 -3.32 6.15
CA ARG A 35 27.56 -2.73 5.16
C ARG A 35 27.77 -1.26 5.49
N GLU A 36 26.72 -0.52 5.87
CA GLU A 36 26.96 0.91 6.14
C GLU A 36 27.93 1.12 7.31
N ALA A 37 27.71 0.37 8.40
CA ALA A 37 28.60 0.37 9.56
C ALA A 37 30.05 -0.02 9.21
N ALA A 38 30.20 -1.08 8.42
CA ALA A 38 31.55 -1.45 8.01
C ALA A 38 32.24 -0.29 7.32
N ASP A 39 31.53 0.30 6.37
CA ASP A 39 32.08 1.40 5.58
C ASP A 39 32.36 2.62 6.46
N LEU A 40 31.43 2.93 7.36
CA LEU A 40 31.65 3.95 8.38
C LEU A 40 32.91 3.72 9.20
N ALA A 41 33.04 2.48 9.67
CA ALA A 41 34.18 2.06 10.47
C ALA A 41 35.48 2.27 9.72
N ALA A 42 35.50 1.85 8.46
CA ALA A 42 36.71 1.98 7.65
C ALA A 42 37.03 3.47 7.39
N LEU A 43 35.98 4.28 7.22
CA LEU A 43 36.15 5.69 6.92
C LEU A 43 36.69 6.35 8.18
N VAL A 44 36.06 6.06 9.32
CA VAL A 44 36.56 6.56 10.58
C VAL A 44 38.02 6.25 10.83
N ARG A 45 38.44 5.03 10.52
CA ARG A 45 39.83 4.59 10.70
C ARG A 45 40.81 5.20 9.71
N ARG A 46 40.39 5.50 8.49
CA ARG A 46 41.20 6.31 7.58
C ARG A 46 41.65 7.58 8.28
N HIS A 47 40.67 8.37 8.73
CA HIS A 47 40.98 9.66 9.34
C HIS A 47 41.59 9.61 10.75
N SER A 48 41.54 8.44 11.39
CA SER A 48 41.82 8.38 12.83
C SER A 48 42.17 6.96 13.24
N PRO A 49 43.34 6.48 12.78
CA PRO A 49 43.82 5.11 12.82
C PRO A 49 43.45 4.36 14.10
N LYS A 50 43.45 5.08 15.22
CA LYS A 50 43.46 4.47 16.54
C LYS A 50 42.06 4.49 17.17
N ALA A 51 41.02 4.66 16.37
CA ALA A 51 39.76 5.10 16.95
C ALA A 51 39.02 4.02 17.73
N ALA A 52 38.44 4.45 18.86
CA ALA A 52 38.10 3.56 19.97
C ALA A 52 36.65 3.67 20.42
N SER A 53 36.00 4.80 20.14
CA SER A 53 34.67 5.07 20.69
C SER A 53 33.88 5.88 19.66
N LEU A 54 32.56 5.69 19.61
CA LEU A 54 31.75 6.38 18.60
C LEU A 54 30.44 6.85 19.25
N LEU A 55 30.04 8.11 19.02
CA LEU A 55 28.70 8.53 19.37
C LEU A 55 27.87 8.60 18.11
N ASP A 56 26.73 7.91 18.09
CA ASP A 56 25.75 8.05 17.01
C ASP A 56 24.60 9.00 17.33
N VAL A 57 24.52 10.12 16.63
CA VAL A 57 23.58 11.16 17.09
C VAL A 57 22.35 11.00 16.17
N ALA A 58 21.14 11.16 16.70
CA ALA A 58 19.87 10.76 16.09
C ALA A 58 19.99 9.27 15.68
N CYS A 59 20.34 8.38 16.62
CA CYS A 59 20.68 6.97 16.30
C CYS A 59 19.43 6.14 16.00
N GLY A 60 18.28 6.79 16.16
CA GLY A 60 16.99 6.19 15.87
C GLY A 60 16.80 4.91 16.68
N THR A 61 16.61 3.80 15.98
CA THR A 61 16.39 2.48 16.57
C THR A 61 17.70 1.72 16.85
N GLY A 62 18.83 2.39 16.61
CA GLY A 62 20.13 1.95 17.06
C GLY A 62 20.61 0.81 16.20
N MET A 63 20.18 0.73 14.94
CA MET A 63 20.74 -0.28 14.03
C MET A 63 22.20 -0.05 13.72
N HIS A 64 22.63 1.19 13.46
CA HIS A 64 24.02 1.31 12.97
C HIS A 64 24.83 0.98 14.22
N LEU A 65 24.40 1.51 15.37
CA LEU A 65 25.11 1.27 16.64
C LEU A 65 25.33 -0.21 16.96
N ARG A 66 24.36 -1.08 16.65
CA ARG A 66 24.44 -2.51 16.93
C ARG A 66 25.57 -3.11 16.12
N HIS A 67 25.73 -2.65 14.89
CA HIS A 67 26.85 -3.13 14.08
C HIS A 67 28.19 -2.46 14.32
N LEU A 68 28.19 -1.14 14.53
CA LEU A 68 29.40 -0.41 14.87
C LEU A 68 30.05 -0.91 16.17
N ALA A 69 29.24 -1.43 17.11
CA ALA A 69 29.76 -2.03 18.36
C ALA A 69 30.72 -3.16 18.09
N ASP A 70 30.66 -3.72 16.88
CA ASP A 70 31.58 -4.80 16.49
C ASP A 70 32.88 -4.21 15.97
N SER A 71 32.89 -2.91 15.69
CA SER A 71 34.11 -2.30 15.18
C SER A 71 34.71 -1.40 16.24
N PHE A 72 33.91 -0.87 17.16
CA PHE A 72 34.44 0.08 18.13
C PHE A 72 34.23 -0.43 19.55
N GLY A 73 35.24 -0.20 20.39
CA GLY A 73 35.19 -0.70 21.75
C GLY A 73 34.03 -0.19 22.56
N THR A 74 33.68 1.08 22.38
CA THR A 74 32.61 1.71 23.16
C THR A 74 31.75 2.50 22.17
N VAL A 75 30.44 2.22 22.15
CA VAL A 75 29.52 3.06 21.37
C VAL A 75 28.44 3.67 22.26
N GLU A 76 27.93 4.81 21.82
CA GLU A 76 26.89 5.55 22.54
C GLU A 76 25.96 6.26 21.54
N GLY A 77 24.75 6.62 21.95
CA GLY A 77 23.84 7.16 20.99
C GLY A 77 23.14 8.31 21.65
N LEU A 78 22.59 9.21 20.83
CA LEU A 78 21.66 10.23 21.31
C LEU A 78 20.43 10.21 20.38
N GLU A 79 19.24 10.29 20.94
CA GLU A 79 18.04 10.21 20.12
C GLU A 79 16.97 11.07 20.76
N LEU A 80 16.24 11.81 19.93
CA LEU A 80 15.18 12.71 20.38
C LEU A 80 13.87 11.98 20.70
N SER A 81 13.53 10.94 19.93
CA SER A 81 12.26 10.23 20.08
C SER A 81 12.37 9.10 21.09
N ALA A 82 11.52 9.23 22.11
CA ALA A 82 11.54 8.23 23.17
C ALA A 82 11.20 6.85 22.62
N ASP A 83 10.24 6.82 21.71
CA ASP A 83 9.79 5.53 21.20
C ASP A 83 10.86 4.88 20.30
N MET A 84 11.57 5.69 19.52
CA MET A 84 12.74 5.16 18.78
C MET A 84 13.84 4.68 19.73
N LEU A 85 14.12 5.52 20.73
CA LEU A 85 15.13 5.26 21.74
C LEU A 85 14.83 3.96 22.47
N ALA A 86 13.56 3.69 22.77
CA ALA A 86 13.19 2.48 23.49
C ALA A 86 13.61 1.28 22.67
N ILE A 87 13.31 1.31 21.37
CA ILE A 87 13.83 0.25 20.51
C ILE A 87 15.35 0.06 20.49
N ALA A 88 16.08 1.15 20.43
CA ALA A 88 17.53 1.14 20.31
C ALA A 88 18.19 0.61 21.60
N ARG A 89 17.62 0.97 22.75
CA ARG A 89 18.08 0.44 24.05
C ARG A 89 17.91 -1.07 24.13
N ARG A 90 16.84 -1.63 23.56
CA ARG A 90 16.61 -3.08 23.62
C ARG A 90 17.61 -3.76 22.70
N ARG A 91 17.90 -3.11 21.58
CA ARG A 91 18.85 -3.63 20.61
C ARG A 91 20.29 -3.52 21.12
N ASN A 92 20.55 -2.50 21.92
CA ASN A 92 21.91 -2.22 22.41
C ASN A 92 21.87 -2.15 23.94
N PRO A 93 21.60 -3.30 24.57
CA PRO A 93 21.29 -3.20 26.00
C PRO A 93 22.53 -2.88 26.85
N ASP A 94 23.74 -3.02 26.31
CA ASP A 94 24.95 -2.63 27.06
C ASP A 94 25.58 -1.27 26.75
N ALA A 95 24.99 -0.52 25.82
CA ALA A 95 25.53 0.81 25.52
C ALA A 95 24.71 1.85 26.24
N VAL A 96 25.27 3.04 26.44
CA VAL A 96 24.51 4.14 26.98
C VAL A 96 23.88 4.92 25.81
N LEU A 97 22.57 5.08 25.87
CA LEU A 97 21.82 5.79 24.83
C LEU A 97 21.03 6.91 25.48
N HIS A 98 21.30 8.13 25.04
CA HIS A 98 20.77 9.30 25.72
C HIS A 98 19.52 9.80 25.01
N HIS A 99 18.49 10.15 25.76
CA HIS A 99 17.33 10.86 25.24
C HIS A 99 17.64 12.35 25.19
N GLY A 100 17.73 12.92 23.99
CA GLY A 100 18.22 14.29 23.86
C GLY A 100 18.21 14.79 22.42
N ASP A 101 18.59 16.06 22.30
CA ASP A 101 18.39 16.90 21.12
C ASP A 101 19.79 17.30 20.65
N MET A 102 20.03 16.97 19.39
CA MET A 102 21.29 17.22 18.70
C MET A 102 21.61 18.70 18.62
N ARG A 103 20.61 19.54 18.89
CA ARG A 103 20.85 20.98 18.83
C ARG A 103 21.56 21.45 20.10
N ASP A 104 21.43 20.70 21.19
CA ASP A 104 21.76 21.25 22.50
C ASP A 104 22.42 20.32 23.53
N PHE A 105 22.99 19.19 23.15
CA PHE A 105 23.22 18.19 24.18
C PHE A 105 24.60 18.35 24.82
N SER A 106 24.80 17.78 26.00
CA SER A 106 26.11 17.89 26.65
C SER A 106 26.41 16.62 27.43
N LEU A 107 27.33 15.78 26.95
CA LEU A 107 27.40 14.40 27.45
C LEU A 107 28.55 14.22 28.45
N GLY A 108 29.36 15.28 28.57
CA GLY A 108 30.51 15.27 29.48
C GLY A 108 31.65 14.40 29.00
N ARG A 109 31.73 14.14 27.70
CA ARG A 109 32.80 13.28 27.22
C ARG A 109 32.96 13.32 25.69
N ARG A 110 34.10 12.87 25.17
CA ARG A 110 34.43 13.00 23.77
C ARG A 110 34.70 11.63 23.19
N PHE A 111 34.49 11.53 21.87
CA PHE A 111 34.48 10.25 21.17
C PHE A 111 35.44 10.32 19.99
N SER A 112 35.92 9.17 19.52
CA SER A 112 36.78 9.15 18.35
C SER A 112 35.98 9.51 17.09
N ALA A 113 34.70 9.12 17.04
CA ALA A 113 33.82 9.47 15.92
C ALA A 113 32.51 10.03 16.44
N VAL A 114 32.02 11.10 15.83
CA VAL A 114 30.64 11.47 16.07
C VAL A 114 29.91 11.34 14.72
N THR A 115 28.87 10.52 14.65
CA THR A 115 28.21 10.24 13.36
C THR A 115 26.77 10.71 13.39
N CYS A 116 26.18 11.02 12.24
CA CYS A 116 24.77 11.40 12.23
C CYS A 116 24.26 11.03 10.85
N MET A 117 23.46 9.96 10.78
CA MET A 117 23.33 9.18 9.56
C MET A 117 21.89 9.25 9.05
N PHE A 118 21.75 9.00 7.76
CA PHE A 118 20.47 8.83 7.03
C PHE A 118 19.70 10.15 7.10
N SER A 119 20.43 11.25 7.01
CA SER A 119 19.81 12.57 6.80
C SER A 119 18.95 12.96 7.96
N SER A 120 19.25 12.47 9.17
CA SER A 120 18.61 12.99 10.38
C SER A 120 18.89 14.46 10.53
N ILE A 121 20.08 14.87 10.07
CA ILE A 121 20.40 16.33 9.99
C ILE A 121 19.40 17.26 9.28
N GLY A 122 18.62 16.70 8.37
CA GLY A 122 17.60 17.47 7.68
C GLY A 122 16.42 17.78 8.58
N HIS A 123 16.36 17.22 9.78
CA HIS A 123 15.24 17.56 10.66
C HIS A 123 15.49 18.88 11.35
N LEU A 124 16.68 19.41 11.12
CA LEU A 124 16.99 20.79 11.52
C LEU A 124 16.44 21.82 10.55
N ALA A 125 16.02 22.98 11.05
CA ALA A 125 15.60 24.06 10.17
C ALA A 125 16.60 25.22 10.34
N GLY A 126 17.14 25.77 9.26
CA GLY A 126 17.81 27.06 9.29
C GLY A 126 19.27 26.89 9.65
N GLN A 127 20.07 27.86 9.27
CA GLN A 127 21.49 27.83 9.49
C GLN A 127 21.80 27.78 10.98
N ALA A 128 21.00 28.46 11.81
CA ALA A 128 21.29 28.58 13.23
C ALA A 128 21.25 27.17 13.83
N GLU A 129 20.25 26.39 13.43
CA GLU A 129 20.14 25.08 14.05
C GLU A 129 21.21 24.14 13.53
N LEU A 130 21.59 24.32 12.26
CA LEU A 130 22.59 23.47 11.65
C LEU A 130 23.92 23.79 12.30
N ASP A 131 24.21 25.09 12.49
CA ASP A 131 25.46 25.50 13.10
C ASP A 131 25.57 24.96 14.52
N ALA A 132 24.47 25.03 15.27
CA ALA A 132 24.41 24.57 16.66
C ALA A 132 24.67 23.07 16.75
N ALA A 133 23.98 22.29 15.94
CA ALA A 133 24.29 20.86 15.95
C ALA A 133 25.76 20.61 15.66
N LEU A 134 26.32 21.23 14.63
CA LEU A 134 27.67 20.84 14.19
C LEU A 134 28.65 21.26 15.31
N GLU A 135 28.29 22.30 16.04
CA GLU A 135 29.12 22.78 17.16
C GLU A 135 29.11 21.79 18.34
N ARG A 136 27.94 21.22 18.61
CA ARG A 136 27.74 20.15 19.58
C ARG A 136 28.52 18.92 19.08
N PHE A 137 28.51 18.67 17.79
CA PHE A 137 29.23 17.48 17.31
C PHE A 137 30.73 17.69 17.59
N ALA A 138 31.28 18.82 17.16
CA ALA A 138 32.63 19.22 17.53
C ALA A 138 32.96 19.20 19.03
N ALA A 139 31.99 19.59 19.86
CA ALA A 139 32.15 19.55 21.32
C ALA A 139 32.23 18.13 21.90
N HIS A 140 31.88 17.12 21.11
CA HIS A 140 31.94 15.75 21.57
C HIS A 140 32.96 14.90 20.83
N VAL A 141 33.76 15.51 19.97
CA VAL A 141 34.71 14.69 19.21
C VAL A 141 36.11 14.86 19.82
N LEU A 142 36.92 13.79 19.85
CA LEU A 142 38.31 13.85 20.33
C LEU A 142 39.18 14.63 19.34
N PRO A 143 40.30 15.21 19.80
CA PRO A 143 41.12 16.04 18.93
C PRO A 143 41.68 15.32 17.71
N ASP A 144 41.84 13.99 17.78
CA ASP A 144 42.27 13.25 16.60
C ASP A 144 41.11 12.42 16.00
N GLY A 145 39.88 12.75 16.32
CA GLY A 145 38.72 12.05 15.77
C GLY A 145 38.09 12.68 14.54
N VAL A 146 36.86 12.30 14.23
CA VAL A 146 36.24 12.68 12.96
C VAL A 146 34.73 12.71 13.15
N VAL A 147 34.10 13.75 12.61
CA VAL A 147 32.66 13.89 12.58
C VAL A 147 32.16 13.54 11.17
N VAL A 148 31.03 12.84 11.09
CA VAL A 148 30.51 12.33 9.82
C VAL A 148 29.06 12.67 9.87
N VAL A 149 28.63 13.40 8.85
CA VAL A 149 27.24 13.76 8.73
C VAL A 149 26.72 13.39 7.34
N GLU A 150 25.64 12.61 7.30
CA GLU A 150 25.06 12.24 6.03
C GLU A 150 23.96 13.26 5.75
N PRO A 151 24.16 14.15 4.75
CA PRO A 151 23.15 15.18 4.53
C PRO A 151 21.85 14.61 3.93
N TRP A 152 20.80 15.43 3.98
CA TRP A 152 19.67 15.32 3.04
C TRP A 152 20.14 15.77 1.66
N TRP A 153 19.30 15.51 0.66
CA TRP A 153 19.54 16.02 -0.67
C TRP A 153 19.78 17.53 -0.66
N PHE A 154 20.48 18.02 -1.68
CA PHE A 154 20.60 19.46 -1.92
C PHE A 154 19.43 20.00 -2.75
N PRO A 155 19.14 21.31 -2.67
CA PRO A 155 18.04 21.83 -3.49
C PRO A 155 18.18 21.50 -4.97
N GLU A 156 19.42 21.50 -5.44
CA GLU A 156 19.74 21.25 -6.85
C GLU A 156 19.61 19.82 -7.35
N ASN A 157 19.70 18.86 -6.43
CA ASN A 157 19.62 17.47 -6.83
C ASN A 157 18.43 16.66 -6.34
N PHE A 158 17.65 17.22 -5.43
CA PHE A 158 16.43 16.59 -4.98
C PHE A 158 15.48 16.40 -6.18
N THR A 159 14.71 15.30 -6.23
CA THR A 159 13.71 15.06 -7.32
C THR A 159 12.29 15.13 -6.80
N PRO A 160 11.65 16.30 -6.99
CA PRO A 160 10.29 16.51 -6.50
C PRO A 160 9.36 15.58 -7.26
N GLY A 161 8.32 15.10 -6.59
CA GLY A 161 7.31 14.27 -7.21
C GLY A 161 7.60 12.79 -7.01
N TYR A 162 8.71 12.51 -6.35
CA TYR A 162 9.21 11.14 -6.21
C TYR A 162 8.29 10.27 -5.38
N VAL A 163 7.95 9.09 -5.88
CA VAL A 163 7.07 8.19 -5.13
C VAL A 163 7.84 6.91 -4.80
N ALA A 164 7.90 6.54 -3.52
CA ALA A 164 8.44 5.22 -3.17
C ALA A 164 7.28 4.32 -2.70
N ALA A 165 7.34 3.03 -2.99
CA ALA A 165 6.26 2.13 -2.58
C ALA A 165 6.92 0.79 -2.40
N GLY A 166 6.68 0.16 -1.26
CA GLY A 166 7.11 -1.19 -1.10
C GLY A 166 6.30 -1.92 -0.06
N THR A 167 6.35 -3.25 -0.13
CA THR A 167 5.62 -4.09 0.79
C THR A 167 6.58 -5.14 1.32
N VAL A 168 6.47 -5.47 2.60
CA VAL A 168 7.32 -6.43 3.23
C VAL A 168 6.40 -7.28 4.09
N GLU A 169 6.78 -8.54 4.29
CA GLU A 169 6.00 -9.35 5.23
C GLU A 169 6.91 -9.87 6.32
N ALA A 170 6.39 -9.95 7.53
CA ALA A 170 7.15 -10.33 8.70
C ALA A 170 6.14 -10.90 9.66
N GLY A 171 6.37 -12.15 10.03
CA GLY A 171 5.57 -12.79 11.06
C GLY A 171 4.08 -12.85 10.81
N GLY A 172 3.70 -12.90 9.55
CA GLY A 172 2.30 -13.06 9.17
C GLY A 172 1.65 -11.69 8.95
N THR A 173 2.41 -10.63 9.16
CA THR A 173 1.90 -9.27 8.94
C THR A 173 2.46 -8.74 7.62
N THR A 174 1.58 -8.11 6.82
CA THR A 174 2.01 -7.45 5.58
C THR A 174 2.05 -5.96 5.87
N VAL A 175 3.13 -5.29 5.47
CA VAL A 175 3.23 -3.83 5.68
C VAL A 175 3.58 -3.19 4.35
N THR A 176 2.74 -2.26 3.96
CA THR A 176 2.95 -1.51 2.72
C THR A 176 3.25 -0.09 3.13
N ARG A 177 4.32 0.47 2.57
CA ARG A 177 4.65 1.86 2.85
C ARG A 177 4.72 2.61 1.52
N VAL A 178 4.14 3.81 1.45
CA VAL A 178 4.23 4.53 0.18
C VAL A 178 4.54 5.95 0.56
N SER A 179 5.53 6.58 -0.06
CA SER A 179 5.80 7.99 0.22
C SER A 179 5.66 8.81 -1.04
N HIS A 180 5.29 10.08 -0.83
CA HIS A 180 5.31 11.08 -1.89
C HIS A 180 6.10 12.30 -1.42
N SER A 181 6.99 12.81 -2.27
CA SER A 181 7.78 13.96 -1.83
C SER A 181 7.60 15.15 -2.76
N SER A 182 7.38 16.35 -2.20
CA SER A 182 7.20 17.55 -2.97
C SER A 182 8.27 18.53 -2.49
N ARG A 183 8.48 19.59 -3.25
CA ARG A 183 9.38 20.68 -2.85
CA ARG A 183 9.38 20.61 -2.73
C ARG A 183 8.48 21.73 -2.17
N GLU A 184 8.65 21.95 -0.87
CA GLU A 184 7.69 22.79 -0.12
C GLU A 184 8.56 23.92 0.37
N GLY A 185 8.94 24.81 -0.56
CA GLY A 185 9.84 25.91 -0.15
C GLY A 185 11.26 25.40 -0.05
N GLU A 186 11.89 25.68 1.09
CA GLU A 186 13.24 25.22 1.31
C GLU A 186 13.31 23.86 2.00
N ALA A 187 12.29 23.01 1.95
CA ALA A 187 12.41 21.63 2.46
C ALA A 187 11.67 20.72 1.54
N THR A 188 12.04 19.43 1.59
CA THR A 188 11.16 18.46 1.03
C THR A 188 10.00 18.18 2.00
N ARG A 189 8.78 18.09 1.46
CA ARG A 189 7.67 17.54 2.23
C ARG A 189 7.62 16.09 1.81
N ILE A 190 7.95 15.18 2.73
CA ILE A 190 7.66 13.76 2.52
C ILE A 190 6.52 13.30 3.40
N GLU A 191 5.46 12.85 2.73
CA GLU A 191 4.26 12.32 3.35
C GLU A 191 4.29 10.82 3.13
N VAL A 192 4.13 10.02 4.20
CA VAL A 192 4.36 8.55 4.08
C VAL A 192 3.10 7.90 4.66
N HIS A 193 2.47 7.00 3.90
CA HIS A 193 1.32 6.28 4.41
C HIS A 193 1.67 4.80 4.54
N TYR A 194 1.06 4.15 5.52
CA TYR A 194 1.29 2.72 5.73
C TYR A 194 -0.04 2.01 5.80
N LEU A 195 -0.06 0.82 5.21
CA LEU A 195 -1.13 -0.14 5.50
C LEU A 195 -0.46 -1.38 6.07
N VAL A 196 -0.91 -1.74 7.28
CA VAL A 196 -0.48 -2.91 8.02
C VAL A 196 -1.64 -3.90 8.07
N ALA A 197 -1.42 -5.14 7.65
CA ALA A 197 -2.54 -6.08 7.74
C ALA A 197 -2.04 -7.49 8.11
N GLY A 198 -2.88 -8.23 8.81
CA GLY A 198 -2.55 -9.60 9.14
C GLY A 198 -3.87 -10.24 9.55
N PRO A 199 -3.88 -11.57 9.52
CA PRO A 199 -5.11 -12.33 9.76
C PRO A 199 -5.85 -12.00 11.04
N ASP A 200 -5.14 -11.82 12.15
CA ASP A 200 -5.81 -11.66 13.43
C ASP A 200 -6.06 -10.22 13.74
N ARG A 201 -5.18 -9.33 13.28
CA ARG A 201 -5.29 -7.92 13.67
C ARG A 201 -6.05 -7.13 12.61
N GLY A 202 -6.24 -7.69 11.41
CA GLY A 202 -6.97 -6.99 10.36
C GLY A 202 -6.09 -5.88 9.82
N ILE A 203 -6.72 -4.83 9.30
CA ILE A 203 -5.95 -3.79 8.61
C ILE A 203 -5.97 -2.51 9.41
N THR A 204 -4.81 -1.87 9.54
CA THR A 204 -4.78 -0.52 10.10
C THR A 204 -3.98 0.43 9.19
N HIS A 205 -4.30 1.72 9.24
CA HIS A 205 -3.66 2.72 8.37
C HIS A 205 -2.93 3.71 9.26
N HIS A 206 -1.71 4.06 8.86
CA HIS A 206 -0.84 4.97 9.58
C HIS A 206 -0.24 6.00 8.63
N GLU A 207 0.13 7.14 9.20
CA GLU A 207 0.72 8.20 8.40
C GLU A 207 1.74 9.00 9.20
N GLU A 208 2.73 9.51 8.48
CA GLU A 208 3.67 10.47 9.04
C GLU A 208 3.91 11.54 7.97
N SER A 209 4.32 12.75 8.36
CA SER A 209 4.63 13.73 7.36
C SER A 209 5.76 14.59 7.91
N HIS A 210 6.79 14.86 7.11
CA HIS A 210 7.95 15.58 7.61
C HIS A 210 8.33 16.69 6.61
N ARG A 211 8.93 17.75 7.16
CA ARG A 211 9.72 18.68 6.37
C ARG A 211 11.18 18.36 6.61
N ILE A 212 11.89 17.96 5.57
CA ILE A 212 13.31 17.68 5.63
C ILE A 212 14.06 18.75 4.86
N THR A 213 14.98 19.44 5.55
CA THR A 213 15.45 20.70 5.03
C THR A 213 16.41 20.41 3.92
N LEU A 214 16.20 21.13 2.82
CA LEU A 214 17.11 21.12 1.66
C LEU A 214 18.23 22.14 1.88
N PHE A 215 19.11 21.85 2.85
CA PHE A 215 20.28 22.72 3.04
C PHE A 215 21.19 22.64 1.81
N THR A 216 21.77 23.75 1.36
CA THR A 216 22.72 23.61 0.25
C THR A 216 24.04 23.02 0.71
N ARG A 217 24.86 22.57 -0.22
CA ARG A 217 26.15 22.04 0.14
C ARG A 217 26.93 23.09 0.94
N GLU A 218 26.82 24.36 0.55
CA GLU A 218 27.66 25.36 1.18
C GLU A 218 27.16 25.67 2.59
N GLN A 219 25.85 25.55 2.80
CA GLN A 219 25.32 25.59 4.15
C GLN A 219 25.90 24.55 5.10
N TYR A 220 26.05 23.30 4.67
CA TYR A 220 26.63 22.34 5.59
C TYR A 220 28.08 22.74 5.79
N GLU A 221 28.79 23.02 4.69
CA GLU A 221 30.20 23.40 4.78
C GLU A 221 30.46 24.51 5.80
N ARG A 222 29.60 25.51 5.78
CA ARG A 222 29.67 26.63 6.67
C ARG A 222 29.39 26.27 8.16
N ALA A 223 28.44 25.36 8.40
CA ALA A 223 28.24 24.75 9.70
C ALA A 223 29.50 24.04 10.22
N PHE A 224 30.16 23.20 9.41
CA PHE A 224 31.37 22.52 9.84
C PHE A 224 32.43 23.55 10.22
N THR A 225 32.59 24.54 9.35
CA THR A 225 33.68 25.53 9.46
C THR A 225 33.52 26.35 10.73
N ALA A 226 32.30 26.77 11.00
CA ALA A 226 32.02 27.60 12.15
C ALA A 226 32.29 26.81 13.44
N ALA A 227 32.24 25.48 13.33
CA ALA A 227 32.42 24.60 14.48
C ALA A 227 33.90 24.20 14.67
N GLY A 228 34.77 24.71 13.80
CA GLY A 228 36.21 24.51 13.89
C GLY A 228 36.66 23.26 13.16
N LEU A 229 35.76 22.63 12.39
CA LEU A 229 36.18 21.44 11.65
C LEU A 229 36.58 21.76 10.21
N SER A 230 37.53 21.03 9.66
CA SER A 230 37.77 21.03 8.23
C SER A 230 36.77 20.05 7.62
N VAL A 231 36.22 20.37 6.45
CA VAL A 231 35.08 19.64 5.90
C VAL A 231 35.44 19.14 4.52
N GLU A 232 35.12 17.87 4.23
CA GLU A 232 35.27 17.38 2.89
C GLU A 232 33.93 16.71 2.55
N PHE A 233 33.55 16.73 1.28
CA PHE A 233 32.33 16.05 0.81
C PHE A 233 32.63 14.90 -0.13
N MET A 234 31.99 13.76 0.06
CA MET A 234 32.12 12.64 -0.86
C MET A 234 30.75 12.34 -1.46
N PRO A 235 30.63 12.43 -2.78
CA PRO A 235 29.40 12.20 -3.54
C PRO A 235 28.92 10.77 -3.30
N GLY A 236 27.62 10.53 -3.40
CA GLY A 236 27.16 9.15 -3.46
C GLY A 236 26.73 8.70 -2.08
N GLY A 237 27.61 7.98 -1.41
CA GLY A 237 27.51 7.66 0.02
C GLY A 237 26.37 6.70 0.28
N PRO A 238 25.94 6.58 1.55
CA PRO A 238 25.03 5.46 1.80
C PRO A 238 23.69 5.50 1.07
N SER A 239 23.05 6.68 0.98
CA SER A 239 21.74 6.84 0.40
C SER A 239 21.76 7.71 -0.87
N GLY A 240 22.92 8.03 -1.45
CA GLY A 240 22.96 8.81 -2.69
C GLY A 240 23.24 10.29 -2.49
N ARG A 241 23.09 10.73 -1.24
CA ARG A 241 23.12 12.18 -0.96
C ARG A 241 24.54 12.59 -0.60
N GLY A 242 25.49 11.67 -0.72
CA GLY A 242 26.84 11.97 -0.18
C GLY A 242 27.11 11.81 1.31
N LEU A 243 28.26 12.35 1.73
CA LEU A 243 28.62 12.26 3.13
C LEU A 243 29.57 13.41 3.36
N PHE A 244 29.42 14.13 4.46
CA PHE A 244 30.45 15.10 4.87
C PHE A 244 31.31 14.51 5.99
N THR A 245 32.63 14.73 5.97
CA THR A 245 33.44 14.37 7.14
C THR A 245 34.22 15.61 7.59
N GLY A 246 34.42 15.75 8.89
CA GLY A 246 35.01 16.97 9.45
C GLY A 246 36.03 16.53 10.47
N LEU A 247 37.16 17.22 10.50
CA LEU A 247 38.26 16.93 11.41
C LEU A 247 38.53 18.19 12.23
N PRO A 248 38.66 18.06 13.55
CA PRO A 248 38.86 19.23 14.39
C PRO A 248 40.24 19.84 14.04
N GLY A 249 40.40 21.14 14.24
CA GLY A 249 41.72 21.76 14.13
C GLY A 249 41.90 22.78 13.01
N ALA A 250 40.82 23.00 12.26
CA ALA A 250 40.65 24.21 11.45
C ALA A 250 40.24 25.36 12.37
N PRO B 10 -15.05 5.30 4.92
CA PRO B 10 -15.26 4.16 4.02
C PRO B 10 -16.54 4.34 3.23
N GLN B 11 -16.83 3.34 2.40
CA GLN B 11 -17.95 3.29 1.45
C GLN B 11 -18.28 1.86 1.04
N ALA B 12 -19.54 1.61 0.65
CA ALA B 12 -20.02 0.24 0.37
C ALA B 12 -20.73 0.27 -0.95
N ASP B 13 -20.30 1.22 -1.78
CA ASP B 13 -21.15 1.69 -2.85
C ASP B 13 -20.46 1.91 -4.19
N TYR B 14 -19.23 1.42 -4.33
CA TYR B 14 -18.56 1.41 -5.64
C TYR B 14 -18.69 2.79 -6.31
N SER B 15 -18.09 3.80 -5.70
CA SER B 15 -18.34 5.14 -6.21
C SER B 15 -17.08 5.97 -6.09
N GLY B 16 -17.05 7.13 -6.74
CA GLY B 16 -15.98 8.09 -6.52
C GLY B 16 -14.68 7.49 -6.98
N GLU B 17 -13.58 7.72 -6.24
CA GLU B 17 -12.35 7.15 -6.74
C GLU B 17 -12.28 5.64 -6.66
N ILE B 18 -13.02 5.03 -5.73
CA ILE B 18 -13.11 3.57 -5.68
C ILE B 18 -13.55 2.98 -7.02
N ALA B 19 -14.62 3.52 -7.57
CA ALA B 19 -15.05 3.08 -8.91
C ALA B 19 -13.94 3.34 -9.96
N GLU B 20 -13.27 4.49 -9.82
CA GLU B 20 -12.20 4.81 -10.77
C GLU B 20 -10.98 3.89 -10.71
N LEU B 21 -10.72 3.32 -9.54
CA LEU B 21 -9.57 2.40 -9.35
C LEU B 21 -9.89 0.95 -9.67
N TYR B 22 -11.17 0.63 -9.82
CA TYR B 22 -11.62 -0.77 -9.92
C TYR B 22 -10.90 -1.59 -10.99
N ASP B 23 -10.89 -1.08 -12.23
CA ASP B 23 -10.37 -1.82 -13.35
C ASP B 23 -8.88 -2.03 -13.14
N LEU B 24 -8.25 -0.98 -12.64
CA LEU B 24 -6.79 -0.99 -12.50
C LEU B 24 -6.33 -2.02 -11.48
N VAL B 25 -7.00 -2.03 -10.33
CA VAL B 25 -6.66 -2.97 -9.26
C VAL B 25 -7.04 -4.41 -9.61
N HIS B 26 -8.13 -4.60 -10.33
CA HIS B 26 -8.45 -5.99 -10.65
C HIS B 26 -7.58 -6.54 -11.79
N GLN B 27 -7.19 -5.66 -12.71
CA GLN B 27 -6.19 -5.98 -13.72
C GLN B 27 -4.89 -6.36 -13.02
N GLY B 28 -4.47 -5.55 -12.05
CA GLY B 28 -3.24 -5.85 -11.33
C GLY B 28 -3.32 -7.18 -10.59
N LYS B 29 -4.53 -7.57 -10.16
CA LYS B 29 -4.66 -8.83 -9.44
C LYS B 29 -4.62 -9.98 -10.43
N GLY B 30 -4.61 -9.69 -11.73
CA GLY B 30 -4.57 -10.77 -12.70
C GLY B 30 -5.93 -11.20 -13.24
N LYS B 31 -6.97 -10.42 -12.99
CA LYS B 31 -8.30 -10.82 -13.48
C LYS B 31 -8.32 -10.65 -14.99
N ASP B 32 -8.68 -11.71 -15.72
CA ASP B 32 -8.60 -11.68 -17.17
C ASP B 32 -10.01 -11.77 -17.74
N TYR B 33 -10.64 -10.63 -18.03
CA TYR B 33 -12.02 -10.68 -18.46
C TYR B 33 -12.16 -11.23 -19.90
N HIS B 34 -11.06 -11.13 -20.64
CA HIS B 34 -11.06 -11.72 -21.97
C HIS B 34 -11.32 -13.23 -21.89
N ARG B 35 -10.46 -13.92 -21.17
CA ARG B 35 -10.64 -15.37 -21.01
C ARG B 35 -11.97 -15.67 -20.34
N GLU B 36 -12.31 -14.93 -19.27
CA GLU B 36 -13.57 -15.18 -18.56
C GLU B 36 -14.72 -15.07 -19.54
N ALA B 37 -14.74 -14.03 -20.37
CA ALA B 37 -15.82 -13.83 -21.34
C ALA B 37 -15.87 -14.97 -22.36
N ALA B 38 -14.69 -15.42 -22.81
CA ALA B 38 -14.65 -16.49 -23.79
C ALA B 38 -15.18 -17.78 -23.18
N ASP B 39 -14.78 -18.05 -21.93
CA ASP B 39 -15.28 -19.23 -21.23
C ASP B 39 -16.78 -19.10 -21.04
N LEU B 40 -17.27 -17.91 -20.71
CA LEU B 40 -18.69 -17.72 -20.44
C LEU B 40 -19.47 -17.93 -21.74
N ALA B 41 -18.92 -17.47 -22.87
CA ALA B 41 -19.67 -17.57 -24.12
C ALA B 41 -19.77 -19.03 -24.54
N ALA B 42 -18.65 -19.73 -24.35
CA ALA B 42 -18.61 -21.16 -24.66
C ALA B 42 -19.64 -21.92 -23.80
N LEU B 43 -19.71 -21.63 -22.49
CA LEU B 43 -20.68 -22.23 -21.58
C LEU B 43 -22.12 -21.94 -21.96
N VAL B 44 -22.38 -20.69 -22.32
CA VAL B 44 -23.73 -20.34 -22.79
C VAL B 44 -24.07 -21.12 -24.05
N ARG B 45 -23.14 -21.19 -24.99
CA ARG B 45 -23.41 -21.93 -26.21
C ARG B 45 -23.65 -23.44 -25.96
N ARG B 46 -22.97 -24.02 -24.98
CA ARG B 46 -23.23 -25.40 -24.56
C ARG B 46 -24.70 -25.62 -24.19
N HIS B 47 -25.28 -24.70 -23.42
CA HIS B 47 -26.68 -24.89 -23.00
C HIS B 47 -27.72 -24.29 -23.92
N SER B 48 -27.28 -23.57 -24.95
CA SER B 48 -28.18 -22.79 -25.78
C SER B 48 -27.36 -22.44 -27.03
N PRO B 49 -27.15 -23.45 -27.90
CA PRO B 49 -26.17 -23.36 -28.99
C PRO B 49 -26.31 -22.11 -29.86
N LYS B 50 -27.52 -21.53 -29.92
CA LYS B 50 -27.82 -20.47 -30.88
C LYS B 50 -28.17 -19.19 -30.12
N ALA B 51 -27.67 -19.11 -28.88
CA ALA B 51 -27.76 -17.89 -28.10
C ALA B 51 -27.15 -16.73 -28.90
N ALA B 52 -27.82 -15.57 -28.84
CA ALA B 52 -27.53 -14.40 -29.66
C ALA B 52 -27.50 -13.11 -28.85
N SER B 53 -28.07 -13.13 -27.65
CA SER B 53 -28.13 -11.93 -26.81
C SER B 53 -27.87 -12.27 -25.34
N LEU B 54 -27.42 -11.29 -24.57
CA LEU B 54 -26.91 -11.53 -23.22
C LEU B 54 -27.16 -10.29 -22.38
N LEU B 55 -27.71 -10.46 -21.18
CA LEU B 55 -27.81 -9.36 -20.20
C LEU B 55 -26.84 -9.64 -19.06
N ASP B 56 -25.89 -8.72 -18.86
CA ASP B 56 -24.95 -8.83 -17.77
C ASP B 56 -25.46 -8.02 -16.59
N VAL B 57 -25.86 -8.71 -15.52
CA VAL B 57 -26.49 -8.02 -14.39
C VAL B 57 -25.40 -7.73 -13.31
N ALA B 58 -25.46 -6.58 -12.63
CA ALA B 58 -24.34 -6.06 -11.86
C ALA B 58 -23.07 -5.97 -12.72
N CYS B 59 -23.16 -5.34 -13.89
CA CYS B 59 -22.09 -5.42 -14.91
C CYS B 59 -20.98 -4.49 -14.46
N GLY B 60 -21.17 -3.66 -13.43
CA GLY B 60 -20.00 -2.93 -12.86
C GLY B 60 -19.42 -1.97 -13.90
N THR B 61 -18.13 -2.09 -14.19
CA THR B 61 -17.56 -1.21 -15.21
C THR B 61 -17.60 -1.78 -16.65
N GLY B 62 -18.24 -2.93 -16.86
CA GLY B 62 -18.61 -3.36 -18.20
C GLY B 62 -17.47 -4.09 -18.89
N MET B 63 -16.49 -4.56 -18.12
CA MET B 63 -15.38 -5.30 -18.76
C MET B 63 -15.83 -6.59 -19.43
N HIS B 64 -16.64 -7.38 -18.73
CA HIS B 64 -17.09 -8.64 -19.36
C HIS B 64 -17.87 -8.28 -20.61
N LEU B 65 -18.76 -7.29 -20.52
CA LEU B 65 -19.63 -6.93 -21.63
C LEU B 65 -18.83 -6.51 -22.86
N ARG B 66 -17.62 -6.00 -22.68
CA ARG B 66 -16.88 -5.41 -23.78
C ARG B 66 -16.34 -6.59 -24.59
N HIS B 67 -15.98 -7.68 -23.91
CA HIS B 67 -15.51 -8.86 -24.61
C HIS B 67 -16.67 -9.74 -25.11
N LEU B 68 -17.75 -9.79 -24.35
CA LEU B 68 -18.88 -10.64 -24.73
C LEU B 68 -19.56 -10.09 -26.01
N ALA B 69 -19.48 -8.79 -26.23
CA ALA B 69 -19.85 -8.20 -27.54
C ALA B 69 -19.26 -8.91 -28.78
N ASP B 70 -18.06 -9.44 -28.68
CA ASP B 70 -17.42 -10.09 -29.81
C ASP B 70 -17.99 -11.48 -29.96
N SER B 71 -18.68 -11.97 -28.95
CA SER B 71 -19.34 -13.27 -29.02
C SER B 71 -20.83 -13.24 -29.26
N PHE B 72 -21.52 -12.21 -28.78
CA PHE B 72 -22.97 -12.19 -28.92
C PHE B 72 -23.38 -10.95 -29.66
N GLY B 73 -24.43 -11.04 -30.49
CA GLY B 73 -24.81 -9.95 -31.35
C GLY B 73 -25.30 -8.74 -30.58
N THR B 74 -26.02 -8.97 -29.50
CA THR B 74 -26.67 -7.91 -28.73
C THR B 74 -26.29 -8.12 -27.26
N VAL B 75 -25.49 -7.24 -26.67
CA VAL B 75 -25.31 -7.31 -25.23
C VAL B 75 -25.92 -6.12 -24.50
N GLU B 76 -26.29 -6.31 -23.25
CA GLU B 76 -26.94 -5.23 -22.51
C GLU B 76 -26.52 -5.37 -21.03
N GLY B 77 -26.63 -4.34 -20.21
CA GLY B 77 -26.17 -4.48 -18.83
C GLY B 77 -27.14 -3.85 -17.85
N LEU B 78 -27.05 -4.26 -16.58
CA LEU B 78 -27.78 -3.59 -15.49
C LEU B 78 -26.73 -3.36 -14.37
N GLU B 79 -26.77 -2.21 -13.71
CA GLU B 79 -25.75 -1.86 -12.69
C GLU B 79 -26.33 -0.83 -11.75
N LEU B 80 -26.16 -1.02 -10.44
CA LEU B 80 -26.78 -0.17 -9.42
C LEU B 80 -25.99 1.12 -9.20
N SER B 81 -24.67 1.06 -9.33
CA SER B 81 -23.84 2.20 -8.99
C SER B 81 -23.70 3.12 -10.19
N ALA B 82 -24.14 4.36 -10.04
CA ALA B 82 -24.00 5.28 -11.19
C ALA B 82 -22.57 5.42 -11.69
N ASP B 83 -21.63 5.53 -10.75
CA ASP B 83 -20.23 5.75 -11.11
C ASP B 83 -19.62 4.55 -11.80
N MET B 84 -20.01 3.34 -11.40
CA MET B 84 -19.58 2.12 -12.14
C MET B 84 -20.18 2.16 -13.55
N LEU B 85 -21.49 2.33 -13.60
CA LEU B 85 -22.27 2.48 -14.82
C LEU B 85 -21.65 3.50 -15.79
N ALA B 86 -21.27 4.69 -15.29
CA ALA B 86 -20.67 5.71 -16.14
C ALA B 86 -19.50 5.11 -16.91
N ILE B 87 -18.63 4.43 -16.18
CA ILE B 87 -17.46 3.83 -16.82
C ILE B 87 -17.82 2.72 -17.83
N ALA B 88 -18.76 1.86 -17.42
CA ALA B 88 -19.23 0.82 -18.32
C ALA B 88 -19.83 1.35 -19.65
N ARG B 89 -20.57 2.47 -19.58
CA ARG B 89 -21.19 3.07 -20.77
C ARG B 89 -20.16 3.62 -21.74
N ARG B 90 -19.09 4.19 -21.21
CA ARG B 90 -18.01 4.72 -22.04
C ARG B 90 -17.27 3.58 -22.72
N ARG B 91 -17.17 2.46 -22.02
CA ARG B 91 -16.46 1.28 -22.53
C ARG B 91 -17.30 0.57 -23.59
N ASN B 92 -18.62 0.66 -23.47
CA ASN B 92 -19.60 -0.05 -24.29
C ASN B 92 -20.59 0.93 -24.94
N PRO B 93 -20.06 1.81 -25.80
CA PRO B 93 -20.84 2.99 -26.23
C PRO B 93 -22.12 2.63 -26.97
N ASP B 94 -22.13 1.46 -27.62
CA ASP B 94 -23.25 1.06 -28.45
C ASP B 94 -24.26 0.10 -27.81
N ALA B 95 -24.06 -0.27 -26.55
CA ALA B 95 -25.02 -1.13 -25.87
C ALA B 95 -25.91 -0.31 -24.96
N VAL B 96 -27.06 -0.87 -24.59
CA VAL B 96 -27.93 -0.26 -23.60
C VAL B 96 -27.52 -0.79 -22.24
N LEU B 97 -27.15 0.11 -21.33
CA LEU B 97 -26.76 -0.23 -19.97
C LEU B 97 -27.75 0.48 -19.06
N HIS B 98 -28.48 -0.28 -18.25
CA HIS B 98 -29.50 0.30 -17.38
C HIS B 98 -28.99 0.55 -15.98
N HIS B 99 -29.53 1.60 -15.37
CA HIS B 99 -29.25 1.92 -13.99
C HIS B 99 -30.38 1.38 -13.15
N GLY B 100 -30.11 0.32 -12.40
CA GLY B 100 -31.10 -0.16 -11.46
C GLY B 100 -30.59 -1.34 -10.66
N ASP B 101 -31.55 -2.06 -10.08
CA ASP B 101 -31.34 -2.98 -8.98
C ASP B 101 -31.75 -4.39 -9.36
N MET B 102 -30.82 -5.33 -9.25
CA MET B 102 -31.06 -6.70 -9.66
C MET B 102 -32.21 -7.35 -8.89
N ARG B 103 -32.62 -6.76 -7.75
CA ARG B 103 -33.72 -7.27 -6.95
C ARG B 103 -35.11 -6.98 -7.51
N ASP B 104 -35.22 -5.93 -8.33
CA ASP B 104 -36.48 -5.39 -8.80
C ASP B 104 -36.16 -4.51 -10.00
N PHE B 105 -36.02 -5.12 -11.17
CA PHE B 105 -35.87 -4.48 -12.48
C PHE B 105 -36.73 -5.16 -13.54
N SER B 106 -36.95 -4.47 -14.64
CA SER B 106 -37.93 -4.92 -15.64
C SER B 106 -37.63 -4.19 -16.93
N LEU B 107 -37.01 -4.87 -17.89
CA LEU B 107 -36.41 -4.22 -19.03
C LEU B 107 -37.32 -4.42 -20.25
N GLY B 108 -38.41 -5.16 -20.06
CA GLY B 108 -39.36 -5.41 -21.14
C GLY B 108 -38.93 -6.43 -22.17
N ARG B 109 -37.74 -7.03 -22.03
CA ARG B 109 -37.32 -8.08 -22.95
C ARG B 109 -36.51 -9.24 -22.35
N ARG B 110 -36.15 -10.22 -23.16
CA ARG B 110 -35.59 -11.45 -22.67
C ARG B 110 -34.35 -11.71 -23.51
N PHE B 111 -33.43 -12.50 -22.98
CA PHE B 111 -32.08 -12.61 -23.54
C PHE B 111 -31.72 -14.08 -23.58
N SER B 112 -30.82 -14.50 -24.45
CA SER B 112 -30.39 -15.88 -24.50
C SER B 112 -29.65 -16.23 -23.21
N ALA B 113 -28.83 -15.31 -22.72
CA ALA B 113 -28.12 -15.52 -21.45
C ALA B 113 -28.37 -14.33 -20.53
N VAL B 114 -28.67 -14.62 -19.27
CA VAL B 114 -28.56 -13.66 -18.17
C VAL B 114 -27.42 -14.04 -17.24
N THR B 115 -26.46 -13.14 -17.07
CA THR B 115 -25.25 -13.41 -16.32
C THR B 115 -25.13 -12.48 -15.14
N CYS B 116 -24.47 -12.97 -14.09
CA CYS B 116 -24.17 -12.18 -12.91
C CYS B 116 -22.85 -12.64 -12.32
N MET B 117 -21.82 -11.82 -12.52
CA MET B 117 -20.48 -12.32 -12.41
C MET B 117 -19.72 -11.69 -11.21
N PHE B 118 -18.68 -12.41 -10.82
CA PHE B 118 -17.68 -12.07 -9.79
C PHE B 118 -18.34 -11.80 -8.44
N SER B 119 -19.39 -12.57 -8.13
CA SER B 119 -19.95 -12.66 -6.77
C SER B 119 -20.70 -11.40 -6.45
N SER B 120 -21.14 -10.66 -7.48
CA SER B 120 -22.04 -9.52 -7.21
C SER B 120 -23.30 -10.00 -6.49
N ILE B 121 -23.76 -11.22 -6.79
CA ILE B 121 -24.86 -11.82 -5.97
C ILE B 121 -24.71 -11.82 -4.44
N GLY B 122 -23.47 -11.78 -3.93
CA GLY B 122 -23.18 -11.71 -2.49
C GLY B 122 -23.60 -10.37 -1.89
N HIS B 123 -23.92 -9.41 -2.77
CA HIS B 123 -24.34 -8.09 -2.25
C HIS B 123 -25.81 -8.13 -1.88
N LEU B 124 -26.46 -9.27 -2.09
CA LEU B 124 -27.85 -9.42 -1.58
C LEU B 124 -27.82 -9.86 -0.11
N ALA B 125 -28.82 -9.49 0.71
CA ALA B 125 -28.75 -9.61 2.15
C ALA B 125 -29.17 -10.93 2.78
N GLY B 126 -30.05 -11.69 2.14
CA GLY B 126 -30.49 -12.99 2.62
C GLY B 126 -31.43 -13.65 1.61
N GLN B 127 -32.09 -14.73 2.00
CA GLN B 127 -32.79 -15.61 1.05
C GLN B 127 -33.85 -14.87 0.26
N ALA B 128 -34.54 -13.91 0.87
CA ALA B 128 -35.64 -13.29 0.16
C ALA B 128 -35.10 -12.46 -1.00
N GLU B 129 -34.00 -11.74 -0.75
CA GLU B 129 -33.45 -10.93 -1.85
C GLU B 129 -32.83 -11.81 -2.90
N LEU B 130 -32.26 -12.91 -2.45
CA LEU B 130 -31.62 -13.83 -3.41
C LEU B 130 -32.70 -14.42 -4.32
N ASP B 131 -33.81 -14.82 -3.70
CA ASP B 131 -34.94 -15.41 -4.43
C ASP B 131 -35.49 -14.41 -5.45
N ALA B 132 -35.66 -13.15 -5.03
CA ALA B 132 -36.20 -12.14 -5.92
C ALA B 132 -35.29 -11.83 -7.09
N ALA B 133 -33.97 -11.76 -6.86
CA ALA B 133 -33.08 -11.53 -7.97
C ALA B 133 -33.16 -12.75 -8.88
N LEU B 134 -33.21 -13.98 -8.37
CA LEU B 134 -33.16 -15.09 -9.32
C LEU B 134 -34.46 -15.10 -10.14
N GLU B 135 -35.53 -14.63 -9.52
CA GLU B 135 -36.81 -14.62 -10.23
C GLU B 135 -36.73 -13.52 -11.31
N ARG B 136 -36.08 -12.40 -11.03
CA ARG B 136 -35.88 -11.38 -12.07
C ARG B 136 -34.96 -11.92 -13.16
N PHE B 137 -33.97 -12.71 -12.80
CA PHE B 137 -33.10 -13.34 -13.83
C PHE B 137 -33.92 -14.26 -14.76
N ALA B 138 -34.74 -15.13 -14.18
CA ALA B 138 -35.70 -15.97 -14.92
C ALA B 138 -36.70 -15.22 -15.79
N ALA B 139 -37.17 -14.06 -15.31
CA ALA B 139 -38.07 -13.20 -16.10
C ALA B 139 -37.42 -12.53 -17.30
N HIS B 140 -36.09 -12.53 -17.38
CA HIS B 140 -35.36 -11.86 -18.47
C HIS B 140 -34.58 -12.89 -19.30
N VAL B 141 -34.85 -14.17 -19.10
CA VAL B 141 -34.20 -15.22 -19.91
C VAL B 141 -35.15 -15.82 -20.95
N LEU B 142 -34.64 -16.10 -22.15
CA LEU B 142 -35.41 -16.76 -23.22
C LEU B 142 -35.61 -18.24 -22.88
N PRO B 143 -36.65 -18.85 -23.45
CA PRO B 143 -37.06 -20.18 -23.08
C PRO B 143 -35.96 -21.20 -23.33
N ASP B 144 -35.11 -20.94 -24.31
CA ASP B 144 -34.03 -21.87 -24.59
C ASP B 144 -32.70 -21.24 -24.19
N GLY B 145 -32.76 -20.25 -23.31
CA GLY B 145 -31.51 -19.62 -22.84
C GLY B 145 -30.99 -20.18 -21.52
N VAL B 146 -30.12 -19.43 -20.83
CA VAL B 146 -29.47 -19.94 -19.64
C VAL B 146 -29.14 -18.77 -18.72
N VAL B 147 -29.35 -18.92 -17.41
CA VAL B 147 -28.89 -18.00 -16.36
C VAL B 147 -27.56 -18.47 -15.77
N VAL B 148 -26.58 -17.57 -15.67
CA VAL B 148 -25.31 -17.88 -15.05
C VAL B 148 -25.05 -17.00 -13.85
N VAL B 149 -24.84 -17.62 -12.68
CA VAL B 149 -24.53 -16.84 -11.50
C VAL B 149 -23.23 -17.33 -10.91
N GLU B 150 -22.23 -16.44 -10.87
CA GLU B 150 -21.02 -16.73 -10.12
C GLU B 150 -21.22 -16.41 -8.65
N PRO B 151 -21.28 -17.44 -7.77
CA PRO B 151 -21.57 -17.17 -6.37
C PRO B 151 -20.41 -16.51 -5.61
N TRP B 152 -20.72 -15.86 -4.49
CA TRP B 152 -19.72 -15.74 -3.42
C TRP B 152 -19.26 -17.12 -2.88
N TRP B 153 -18.16 -17.14 -2.12
CA TRP B 153 -17.80 -18.34 -1.37
C TRP B 153 -18.99 -18.93 -0.59
N PHE B 154 -19.05 -20.27 -0.52
CA PHE B 154 -19.90 -20.82 0.53
C PHE B 154 -19.25 -20.70 1.93
N PRO B 155 -20.05 -20.69 3.01
CA PRO B 155 -19.47 -20.67 4.35
C PRO B 155 -18.36 -21.72 4.62
N GLU B 156 -18.55 -22.95 4.14
CA GLU B 156 -17.57 -24.01 4.35
C GLU B 156 -16.25 -23.80 3.62
N ASN B 157 -16.25 -22.98 2.57
CA ASN B 157 -15.02 -22.78 1.81
C ASN B 157 -14.45 -21.36 1.94
N PHE B 158 -15.05 -20.50 2.76
CA PHE B 158 -14.45 -19.18 3.05
C PHE B 158 -13.30 -19.29 4.07
N THR B 159 -12.26 -18.47 3.91
CA THR B 159 -11.14 -18.41 4.86
C THR B 159 -11.11 -17.05 5.53
N PRO B 160 -11.59 -17.00 6.78
CA PRO B 160 -11.55 -15.78 7.56
C PRO B 160 -10.09 -15.48 7.86
N GLY B 161 -9.82 -14.19 7.94
CA GLY B 161 -8.46 -13.78 8.19
C GLY B 161 -7.65 -13.56 6.92
N TYR B 162 -8.19 -13.91 5.76
CA TYR B 162 -7.51 -13.74 4.47
C TYR B 162 -7.09 -12.31 4.13
N VAL B 163 -5.85 -12.15 3.67
CA VAL B 163 -5.32 -10.80 3.40
C VAL B 163 -4.89 -10.81 1.96
N ALA B 164 -5.37 -9.85 1.18
CA ALA B 164 -4.84 -9.63 -0.17
C ALA B 164 -4.15 -8.26 -0.17
N ALA B 165 -3.03 -8.17 -0.88
CA ALA B 165 -2.19 -6.97 -0.88
C ALA B 165 -1.47 -6.99 -2.21
N GLY B 166 -1.59 -5.88 -2.93
CA GLY B 166 -0.88 -5.79 -4.20
C GLY B 166 -0.71 -4.32 -4.56
N THR B 167 0.35 -4.03 -5.31
CA THR B 167 0.60 -2.66 -5.73
C THR B 167 0.85 -2.69 -7.24
N VAL B 168 0.26 -1.74 -7.96
CA VAL B 168 0.42 -1.68 -9.40
C VAL B 168 0.79 -0.24 -9.76
N GLU B 169 1.58 -0.03 -10.81
CA GLU B 169 1.70 1.34 -11.30
C GLU B 169 1.27 1.55 -12.74
N ALA B 170 0.62 2.68 -13.00
CA ALA B 170 -0.01 2.87 -14.30
C ALA B 170 -0.20 4.35 -14.55
N GLY B 171 0.50 4.85 -15.57
CA GLY B 171 0.43 6.26 -15.97
C GLY B 171 0.91 7.33 -15.00
N GLY B 172 2.06 7.16 -14.36
CA GLY B 172 2.53 8.11 -13.37
C GLY B 172 2.08 7.76 -11.96
N THR B 173 0.91 7.14 -11.83
CA THR B 173 0.35 6.79 -10.53
C THR B 173 0.71 5.41 -9.95
N THR B 174 0.88 5.31 -8.64
CA THR B 174 1.01 4.01 -7.97
C THR B 174 -0.25 3.80 -7.12
N VAL B 175 -0.76 2.58 -7.13
CA VAL B 175 -2.01 2.22 -6.45
C VAL B 175 -1.79 0.94 -5.65
N THR B 176 -1.89 1.00 -4.32
CA THR B 176 -1.76 -0.18 -3.47
C THR B 176 -3.16 -0.50 -2.97
N ARG B 177 -3.52 -1.77 -2.99
CA ARG B 177 -4.83 -2.17 -2.48
C ARG B 177 -4.57 -3.28 -1.47
N VAL B 178 -5.11 -3.14 -0.28
CA VAL B 178 -4.96 -4.21 0.70
C VAL B 178 -6.33 -4.59 1.26
N SER B 179 -6.65 -5.88 1.31
CA SER B 179 -7.95 -6.28 1.87
C SER B 179 -7.74 -7.23 3.02
N HIS B 180 -8.75 -7.20 3.89
CA HIS B 180 -8.80 -8.18 4.97
C HIS B 180 -10.25 -8.64 5.19
N SER B 181 -10.43 -9.95 5.36
CA SER B 181 -11.77 -10.55 5.47
C SER B 181 -12.01 -11.29 6.79
N SER B 182 -13.18 -11.07 7.41
CA SER B 182 -13.57 -11.87 8.56
C SER B 182 -15.00 -12.39 8.41
N ARG B 183 -15.41 -13.28 9.32
CA ARG B 183 -16.76 -13.83 9.26
C ARG B 183 -17.54 -12.89 10.17
N GLU B 184 -18.69 -12.45 9.68
CA GLU B 184 -19.59 -11.55 10.42
C GLU B 184 -20.94 -12.17 10.16
N GLY B 185 -21.47 -12.91 11.16
CA GLY B 185 -22.78 -13.51 10.94
C GLY B 185 -22.67 -14.51 9.81
N GLU B 186 -23.64 -14.50 8.90
CA GLU B 186 -23.56 -15.37 7.76
C GLU B 186 -22.99 -14.57 6.57
N ALA B 187 -21.99 -13.72 6.76
CA ALA B 187 -21.45 -12.92 5.64
C ALA B 187 -19.95 -12.79 5.80
N THR B 188 -19.24 -12.38 4.75
CA THR B 188 -17.83 -11.97 4.92
C THR B 188 -17.87 -10.44 5.11
N ARG B 189 -17.21 -9.90 6.13
CA ARG B 189 -16.83 -8.50 6.14
C ARG B 189 -15.45 -8.42 5.46
N ILE B 190 -15.41 -7.81 4.28
CA ILE B 190 -14.15 -7.47 3.62
C ILE B 190 -13.88 -5.94 3.71
N GLU B 191 -12.78 -5.55 4.36
CA GLU B 191 -12.33 -4.17 4.44
C GLU B 191 -11.14 -3.99 3.49
N VAL B 192 -11.15 -2.91 2.72
CA VAL B 192 -10.19 -2.76 1.59
C VAL B 192 -9.68 -1.34 1.75
N HIS B 193 -8.36 -1.20 1.86
CA HIS B 193 -7.73 0.10 1.94
C HIS B 193 -6.87 0.27 0.72
N TYR B 194 -6.80 1.51 0.23
CA TYR B 194 -5.97 1.82 -0.93
C TYR B 194 -5.07 2.99 -0.60
N LEU B 195 -3.87 2.96 -1.18
CA LEU B 195 -3.06 4.17 -1.17
C LEU B 195 -2.83 4.52 -2.65
N VAL B 196 -3.12 5.74 -3.04
CA VAL B 196 -2.85 6.18 -4.40
C VAL B 196 -1.85 7.33 -4.40
N ALA B 197 -0.75 7.20 -5.12
CA ALA B 197 0.22 8.29 -5.11
C ALA B 197 0.70 8.60 -6.51
N GLY B 198 0.80 9.88 -6.86
CA GLY B 198 1.48 10.23 -8.10
C GLY B 198 2.28 11.51 -7.96
N PRO B 199 3.15 11.80 -8.96
CA PRO B 199 4.05 12.94 -8.81
C PRO B 199 3.31 14.25 -8.53
N ASP B 200 2.23 14.52 -9.27
CA ASP B 200 1.58 15.81 -9.14
C ASP B 200 0.51 15.74 -8.08
N ARG B 201 -0.19 14.61 -8.02
CA ARG B 201 -1.38 14.59 -7.14
C ARG B 201 -1.06 14.32 -5.67
N GLY B 202 0.13 13.78 -5.43
CA GLY B 202 0.61 13.41 -4.07
C GLY B 202 -0.06 12.11 -3.68
N ILE B 203 -0.38 12.00 -2.40
CA ILE B 203 -0.76 10.70 -1.83
C ILE B 203 -2.13 10.74 -1.17
N THR B 204 -3.05 9.87 -1.55
CA THR B 204 -4.31 9.82 -0.78
C THR B 204 -4.60 8.39 -0.30
N HIS B 205 -5.40 8.28 0.75
CA HIS B 205 -5.79 6.98 1.28
C HIS B 205 -7.30 6.87 1.03
N HIS B 206 -7.75 5.71 0.53
CA HIS B 206 -9.17 5.41 0.36
C HIS B 206 -9.53 4.12 1.07
N GLU B 207 -10.80 4.00 1.39
CA GLU B 207 -11.23 2.75 1.99
C GLU B 207 -12.64 2.35 1.57
N GLU B 208 -12.87 1.05 1.48
CA GLU B 208 -14.23 0.54 1.33
C GLU B 208 -14.47 -0.59 2.32
N SER B 209 -15.75 -0.86 2.58
CA SER B 209 -16.06 -2.02 3.39
C SER B 209 -17.37 -2.60 2.89
N HIS B 210 -17.40 -3.91 2.77
CA HIS B 210 -18.57 -4.57 2.22
C HIS B 210 -18.94 -5.78 3.07
N ARG B 211 -20.22 -6.13 3.03
CA ARG B 211 -20.66 -7.30 3.75
C ARG B 211 -21.19 -8.18 2.65
N ILE B 212 -20.54 -9.31 2.34
CA ILE B 212 -20.88 -10.14 1.19
C ILE B 212 -21.38 -11.47 1.77
N THR B 213 -22.56 -11.94 1.35
CA THR B 213 -23.29 -12.88 2.18
C THR B 213 -22.72 -14.22 1.76
N LEU B 214 -22.52 -15.09 2.75
CA LEU B 214 -22.09 -16.47 2.44
C LEU B 214 -23.32 -17.36 2.35
N PHE B 215 -24.02 -17.30 1.25
CA PHE B 215 -25.22 -18.15 1.06
C PHE B 215 -24.63 -19.54 0.89
N THR B 216 -25.28 -20.54 1.49
CA THR B 216 -24.92 -21.91 1.15
C THR B 216 -25.33 -22.31 -0.26
N ARG B 217 -24.73 -23.40 -0.76
CA ARG B 217 -25.06 -23.98 -2.01
C ARG B 217 -26.53 -24.27 -2.07
N GLU B 218 -27.15 -24.77 -0.99
CA GLU B 218 -28.57 -25.10 -1.03
C GLU B 218 -29.42 -23.85 -1.07
N GLN B 219 -28.96 -22.79 -0.42
CA GLN B 219 -29.62 -21.50 -0.61
C GLN B 219 -29.69 -20.97 -2.05
N TYR B 220 -28.58 -21.04 -2.77
CA TYR B 220 -28.63 -20.65 -4.17
C TYR B 220 -29.55 -21.59 -4.93
N GLU B 221 -29.42 -22.89 -4.66
CA GLU B 221 -30.21 -23.84 -5.41
C GLU B 221 -31.70 -23.59 -5.21
N ARG B 222 -32.07 -23.27 -3.97
CA ARG B 222 -33.44 -23.00 -3.60
C ARG B 222 -33.97 -21.83 -4.43
N ALA B 223 -33.17 -20.78 -4.49
CA ALA B 223 -33.54 -19.60 -5.27
C ALA B 223 -33.70 -19.84 -6.77
N PHE B 224 -32.83 -20.66 -7.36
CA PHE B 224 -33.01 -20.95 -8.76
C PHE B 224 -34.35 -21.68 -8.89
N THR B 225 -34.57 -22.65 -8.00
CA THR B 225 -35.68 -23.58 -8.17
C THR B 225 -36.98 -22.81 -8.02
N ALA B 226 -37.00 -21.89 -7.06
CA ALA B 226 -38.20 -21.11 -6.82
C ALA B 226 -38.45 -20.21 -8.02
N ALA B 227 -37.43 -19.98 -8.85
CA ALA B 227 -37.56 -19.11 -10.02
C ALA B 227 -37.95 -19.93 -11.26
N GLY B 228 -38.07 -21.25 -11.10
CA GLY B 228 -38.51 -22.09 -12.18
C GLY B 228 -37.34 -22.65 -12.97
N LEU B 229 -36.12 -22.50 -12.44
CA LEU B 229 -34.94 -22.84 -13.23
C LEU B 229 -34.37 -24.17 -12.74
N SER B 230 -33.87 -25.02 -13.64
CA SER B 230 -33.14 -26.17 -13.13
C SER B 230 -31.76 -25.62 -12.78
N VAL B 231 -31.06 -26.21 -11.83
CA VAL B 231 -29.82 -25.60 -11.38
C VAL B 231 -28.72 -26.67 -11.44
N GLU B 232 -27.51 -26.28 -11.80
CA GLU B 232 -26.35 -27.15 -11.69
C GLU B 232 -25.23 -26.26 -11.18
N PHE B 233 -24.49 -26.74 -10.18
CA PHE B 233 -23.27 -26.10 -9.70
C PHE B 233 -22.03 -26.72 -10.27
N MET B 234 -21.08 -25.89 -10.66
CA MET B 234 -19.78 -26.44 -11.04
C MET B 234 -18.64 -25.73 -10.29
N PRO B 235 -17.88 -26.48 -9.49
CA PRO B 235 -16.77 -25.96 -8.68
C PRO B 235 -15.70 -25.33 -9.54
N GLY B 236 -14.76 -24.63 -8.90
CA GLY B 236 -13.71 -23.93 -9.64
C GLY B 236 -14.06 -22.54 -10.16
N GLY B 237 -14.39 -22.47 -11.43
CA GLY B 237 -15.00 -21.25 -12.02
C GLY B 237 -13.94 -20.17 -12.16
N PRO B 238 -14.36 -18.99 -12.65
CA PRO B 238 -13.41 -17.91 -12.95
C PRO B 238 -12.64 -17.53 -11.68
N SER B 239 -13.33 -17.52 -10.54
CA SER B 239 -12.72 -17.00 -9.31
C SER B 239 -12.44 -18.05 -8.25
N GLY B 240 -12.68 -19.34 -8.55
CA GLY B 240 -12.48 -20.38 -7.54
C GLY B 240 -13.76 -20.64 -6.74
N ARG B 241 -14.81 -19.88 -7.01
CA ARG B 241 -16.03 -19.99 -6.21
C ARG B 241 -17.02 -20.83 -6.99
N GLY B 242 -16.59 -21.37 -8.12
CA GLY B 242 -17.51 -22.04 -9.01
C GLY B 242 -18.48 -21.20 -9.80
N LEU B 243 -19.52 -21.88 -10.30
CA LEU B 243 -20.48 -21.24 -11.19
C LEU B 243 -21.79 -22.04 -11.13
N PHE B 244 -22.92 -21.34 -10.94
CA PHE B 244 -24.22 -21.97 -11.12
C PHE B 244 -24.78 -21.66 -12.49
N THR B 245 -25.39 -22.66 -13.10
CA THR B 245 -26.20 -22.35 -14.27
C THR B 245 -27.61 -22.85 -14.04
N GLY B 246 -28.58 -22.16 -14.64
CA GLY B 246 -29.96 -22.59 -14.53
C GLY B 246 -30.68 -22.43 -15.85
N LEU B 247 -31.59 -23.36 -16.15
CA LEU B 247 -32.28 -23.44 -17.42
C LEU B 247 -33.76 -23.42 -17.10
N PRO B 248 -34.53 -22.52 -17.74
CA PRO B 248 -35.97 -22.42 -17.51
C PRO B 248 -36.74 -23.68 -17.95
N GLY B 249 -37.95 -23.83 -17.44
CA GLY B 249 -38.77 -24.97 -17.83
C GLY B 249 -39.13 -25.81 -16.63
N ALA B 250 -38.36 -25.71 -15.55
CA ALA B 250 -38.64 -26.49 -14.32
C ALA B 250 -40.04 -26.21 -13.79
N SAH C . 20.06 7.52 12.27
CA SAH C . 19.00 6.47 12.23
CB SAH C . 17.60 7.07 12.09
CG SAH C . 17.37 8.11 10.95
SD SAH C . 15.69 8.71 10.98
C SAH C . 19.11 5.58 11.04
O SAH C . 20.05 5.67 10.21
OXT SAH C . 18.20 4.75 10.86
C5' SAH C . 15.70 10.38 11.66
C4' SAH C . 16.13 10.39 13.13
O4' SAH C . 16.38 11.73 13.58
C3' SAH C . 14.94 9.88 13.93
O3' SAH C . 15.23 8.87 14.91
C2' SAH C . 14.46 11.15 14.64
O2' SAH C . 13.73 10.88 15.84
C1' SAH C . 15.80 11.83 14.88
N9 SAH C . 15.78 13.27 15.18
C8 SAH C . 15.07 14.24 14.57
N7 SAH C . 15.36 15.48 15.08
C5 SAH C . 16.27 15.27 16.07
C6 SAH C . 17.02 16.10 17.03
N6 SAH C . 16.85 17.44 17.06
N1 SAH C . 17.88 15.44 17.86
C2 SAH C . 18.09 14.14 17.86
N3 SAH C . 17.45 13.31 17.01
C4 SAH C . 16.58 13.82 16.11
O4 T3Q D . 17.24 9.70 -6.80
C4 T3Q D . 16.56 10.16 -5.88
N3 T3Q D . 16.52 11.53 -5.69
C2 T3Q D . 15.77 11.97 -4.66
O2 T3Q D . 15.77 13.17 -4.56
C5 T3Q D . 15.82 9.27 -5.02
C5M T3Q D . 15.82 7.76 -5.25
C6 T3Q D . 15.06 9.75 -4.00
N1 T3Q D . 15.05 11.14 -3.86
C1' T3Q D . 14.26 11.67 -2.73
O4' T3Q D . 14.63 10.79 -1.65
C2' T3Q D . 12.75 11.48 -2.94
C3' T3Q D . 12.34 11.24 -1.45
O3' T3Q D . 12.20 12.48 -0.76
C4' T3Q D . 13.46 10.37 -0.86
C5' T3Q D . 13.14 8.86 -0.84
O5' T3Q D . 11.85 8.63 -0.32
PA T3Q D . 11.82 7.34 0.63
O1A T3Q D . 12.61 6.20 0.02
O2A T3Q D . 10.34 7.10 1.04
O3A T3Q D . 12.64 7.89 1.90
PB T3Q D . 13.91 7.29 2.70
O1B T3Q D . 15.17 7.71 2.08
O2B T3Q D . 13.71 5.79 3.10
O3B T3Q D . 13.71 8.05 4.10
O4Q T3Q D . 12.94 9.00 8.36
C4Q T3Q D . 13.21 9.69 7.11
C5Q T3Q D . 12.21 9.34 6.00
O5Q T3Q D . 12.57 9.92 4.74
C6Q T3Q D . 10.87 9.97 6.42
C3Q T3Q D . 14.62 9.31 6.57
N3Q T3Q D . 15.73 9.62 7.50
C2Q T3Q D . 14.90 9.93 5.18
O2Q T3Q D . 16.03 9.23 4.62
C1Q T3Q D . 13.82 9.51 4.21
C1 EDO E . 18.27 25.95 4.20
O1 EDO E . 17.77 26.60 3.01
C2 EDO E . 17.68 26.57 5.47
O2 EDO E . 18.47 27.69 5.88
N SAH F . -19.73 -8.00 -12.58
CA SAH F . -18.63 -6.98 -12.51
CB SAH F . -18.68 -6.16 -11.22
CG SAH F . -18.58 -6.95 -9.90
SD SAH F . -18.39 -6.04 -8.37
C SAH F . -17.29 -7.62 -12.66
O SAH F . -17.14 -8.84 -12.85
OXT SAH F . -16.28 -6.90 -12.62
C5' SAH F . -20.03 -6.02 -7.66
C4' SAH F . -20.99 -5.21 -8.52
O4' SAH F . -22.36 -5.47 -8.17
C3' SAH F . -20.71 -3.70 -8.38
O3' SAH F . -20.71 -3.03 -9.64
C2' SAH F . -21.91 -3.24 -7.57
O2' SAH F . -22.20 -1.89 -7.87
C1' SAH F . -22.97 -4.19 -8.11
N9 SAH F . -24.15 -4.35 -7.26
C8 SAH F . -24.24 -4.48 -5.93
N7 SAH F . -25.52 -4.60 -5.55
C5 SAH F . -26.29 -4.54 -6.65
C6 SAH F . -27.73 -4.62 -6.98
N6 SAH F . -28.62 -4.77 -5.96
N1 SAH F . -28.12 -4.50 -8.27
C2 SAH F . -27.20 -4.35 -9.28
N3 SAH F . -25.86 -4.26 -9.08
C4 SAH F . -25.37 -4.37 -7.81
O4 T3Q G . -8.81 -19.05 -1.24
C4 T3Q G . -9.48 -18.07 -0.98
N3 T3Q G . -10.39 -18.18 0.03
C2 T3Q G . -11.13 -17.12 0.33
O2 T3Q G . -11.94 -17.26 1.21
C5 T3Q G . -9.30 -16.89 -1.76
C5M T3Q G . -8.28 -16.81 -2.89
C6 T3Q G . -10.07 -15.82 -1.41
N1 T3Q G . -10.94 -15.97 -0.36
C1' T3Q G . -11.85 -14.86 -0.02
O4' T3Q G . -11.96 -14.14 -1.25
C2' T3Q G . -11.05 -13.97 0.95
C3' T3Q G . -11.55 -12.57 0.53
O3' T3Q G . -12.81 -12.33 1.16
C4' T3Q G . -11.69 -12.73 -1.00
C5' T3Q G . -10.45 -12.27 -1.80
O5' T3Q G . -10.17 -10.95 -1.32
PA T3Q G . -9.80 -10.00 -2.56
O1A T3Q G . -8.87 -10.70 -3.52
O2A T3Q G . -9.39 -8.64 -1.90
O3A T3Q G . -11.25 -9.86 -3.23
PB T3Q G . -11.72 -9.92 -4.75
O1B T3Q G . -11.99 -11.30 -5.12
O2B T3Q G . -10.69 -9.19 -5.72
O3B T3Q G . -13.09 -9.07 -4.73
O4Q T3Q G . -16.08 -6.03 -5.38
C4Q T3Q G . -15.79 -7.21 -4.61
C5Q T3Q G . -14.56 -7.08 -3.70
O5Q T3Q G . -14.38 -8.30 -3.00
C6Q T3Q G . -14.87 -6.02 -2.62
C3Q T3Q G . -15.72 -8.37 -5.61
N3Q T3Q G . -16.93 -8.54 -6.45
C2Q T3Q G . -15.48 -9.64 -4.78
O2Q T3Q G . -15.06 -10.71 -5.64
C1Q T3Q G . -14.25 -9.41 -3.89
#